data_6UB7
#
_entry.id   6UB7
#
_cell.length_a   58.896
_cell.length_b   60.066
_cell.length_c   96.085
_cell.angle_alpha   90.000
_cell.angle_beta   90.000
_cell.angle_gamma   90.000
#
_symmetry.space_group_name_H-M   'P 21 21 21'
#
loop_
_entity.id
_entity.type
_entity.pdbx_description
1 polymer 'Glyco_hydro_cc domain-containing protein'
2 non-polymer 'POTASSIUM ION'
3 water water
#
_entity_poly.entity_id   1
_entity_poly.type   'polypeptide(L)'
_entity_poly.pdbx_seq_one_letter_code
;MGSSHHHHHHSSGLVPAGSHMSDDGQVQRGKAGISWPAQELTSDPIAKFFQHGSKLSWHWNWTKHWKGPLVPETSDDLEI
DAEFVPMIWSPQSLDDGCDLQEGWDLLLGFNEPDLDNEAVASHRSPQEAADVWIQLAQLRTDPDNQHLVSPAVASNVEWL
KEFLSLIPEETYPTYLAVHLYTTTFDDFVGKMEMYHNEFGLPIILTEFCMQSWDEGVPGPGDQQQVHDYMGQTTKWLDET
DYIIKYCWFGAVRDTANLHDVHPFNRLMDEHGEITPLGFQYMYGGHE
;
_entity_poly.pdbx_strand_id   A
#
# COMPACT_ATOMS: atom_id res chain seq x y z
N GLY A 30 -4.33 -8.69 13.02
CA GLY A 30 -3.97 -9.25 11.68
C GLY A 30 -3.13 -8.27 10.90
N LYS A 31 -2.45 -8.76 9.87
CA LYS A 31 -1.52 -7.98 9.04
C LYS A 31 -2.28 -7.22 7.94
N ALA A 32 -3.55 -7.56 7.69
CA ALA A 32 -4.18 -7.30 6.37
C ALA A 32 -4.84 -5.91 6.39
N GLY A 33 -4.59 -5.14 5.33
CA GLY A 33 -5.12 -3.77 5.21
C GLY A 33 -5.95 -3.52 3.97
N ILE A 34 -6.49 -2.31 3.85
CA ILE A 34 -7.20 -1.85 2.63
C ILE A 34 -6.50 -0.61 2.07
N SER A 35 -6.28 -0.58 0.76
CA SER A 35 -5.97 0.64 0.00
C SER A 35 -7.26 1.25 -0.60
N TRP A 36 -7.35 2.58 -0.61
CA TRP A 36 -8.57 3.28 -1.12
C TRP A 36 -8.07 4.47 -1.94
N PRO A 37 -8.46 4.63 -3.20
CA PRO A 37 -8.02 5.79 -3.98
C PRO A 37 -8.73 7.06 -3.52
N ALA A 38 -7.93 8.08 -3.19
CA ALA A 38 -8.46 9.43 -2.85
C ALA A 38 -9.29 10.00 -4.03
N GLN A 39 -9.08 9.57 -5.30
CA GLN A 39 -9.92 9.96 -6.44
C GLN A 39 -11.40 9.66 -6.17
N GLU A 40 -11.73 8.75 -5.26
CA GLU A 40 -13.15 8.43 -4.91
C GLU A 40 -13.82 9.60 -4.15
N LEU A 41 -13.02 10.50 -3.56
CA LEU A 41 -13.40 11.76 -2.86
C LEU A 41 -13.95 11.56 -1.46
N THR A 42 -14.44 10.37 -1.13
CA THR A 42 -15.06 10.10 0.16
C THR A 42 -14.51 8.76 0.70
N SER A 43 -14.14 8.74 1.98
CA SER A 43 -13.71 7.52 2.69
C SER A 43 -14.93 6.70 3.14
N ASP A 44 -16.17 7.18 3.00
CA ASP A 44 -17.31 6.47 3.63
C ASP A 44 -17.37 5.01 3.19
N PRO A 45 -17.21 4.69 1.89
CA PRO A 45 -17.44 3.32 1.43
C PRO A 45 -16.52 2.26 2.06
N ILE A 46 -15.38 2.67 2.60
CA ILE A 46 -14.48 1.63 3.15
C ILE A 46 -14.81 1.29 4.61
N ALA A 47 -15.61 2.08 5.32
CA ALA A 47 -16.09 1.78 6.68
C ALA A 47 -16.59 0.33 6.71
N LYS A 48 -17.20 -0.16 5.63
CA LYS A 48 -17.86 -1.50 5.74
C LYS A 48 -16.82 -2.62 5.74
N PHE A 49 -15.58 -2.33 5.36
CA PHE A 49 -14.50 -3.32 5.44
C PHE A 49 -14.06 -3.59 6.89
N PHE A 50 -14.45 -2.74 7.84
CA PHE A 50 -13.97 -2.81 9.24
C PHE A 50 -15.15 -2.99 10.21
N GLN A 51 -16.23 -3.60 9.72
CA GLN A 51 -17.47 -3.90 10.48
C GLN A 51 -17.28 -5.16 11.33
N HIS A 52 -18.36 -5.56 12.00
CA HIS A 52 -18.37 -6.71 12.95
C HIS A 52 -17.71 -7.89 12.25
N GLY A 53 -16.62 -8.39 12.83
CA GLY A 53 -16.04 -9.68 12.41
C GLY A 53 -14.86 -9.52 11.47
N SER A 54 -14.66 -8.31 10.89
CA SER A 54 -13.57 -8.07 9.93
C SER A 54 -12.24 -8.46 10.56
N LYS A 55 -11.34 -9.09 9.83
CA LYS A 55 -9.96 -9.32 10.35
C LYS A 55 -8.99 -8.19 9.89
N LEU A 56 -9.50 -7.20 9.15
CA LEU A 56 -8.59 -6.17 8.57
C LEU A 56 -8.19 -5.16 9.65
N SER A 57 -6.92 -4.73 9.73
CA SER A 57 -6.43 -3.94 10.89
C SER A 57 -5.98 -2.52 10.47
N TRP A 58 -5.84 -2.27 9.20
CA TRP A 58 -5.32 -0.94 8.74
C TRP A 58 -5.86 -0.48 7.39
N HIS A 59 -5.58 0.80 7.08
CA HIS A 59 -5.93 1.33 5.75
C HIS A 59 -4.99 2.47 5.41
N TRP A 60 -4.86 2.66 4.11
CA TRP A 60 -4.12 3.79 3.52
C TRP A 60 -4.78 4.24 2.21
N ASN A 61 -4.32 5.38 1.65
CA ASN A 61 -5.04 6.00 0.49
C ASN A 61 -4.09 6.79 -0.40
N TRP A 62 -2.78 6.49 -0.33
CA TRP A 62 -1.73 7.21 -1.06
C TRP A 62 -1.67 8.69 -0.66
N THR A 63 -2.20 9.08 0.50
CA THR A 63 -2.07 10.48 0.90
C THR A 63 -2.04 10.63 2.42
N LYS A 64 -2.19 11.85 2.88
CA LYS A 64 -1.84 12.20 4.26
C LYS A 64 -2.89 11.82 5.26
N HIS A 65 -4.18 11.83 4.89
CA HIS A 65 -5.29 11.73 5.82
C HIS A 65 -6.52 11.18 5.09
N TRP A 66 -7.45 10.59 5.83
CA TRP A 66 -8.67 9.97 5.26
C TRP A 66 -9.92 10.83 5.45
N LYS A 67 -9.81 11.82 6.33
CA LYS A 67 -10.87 12.81 6.61
C LYS A 67 -10.25 14.19 6.64
N GLY A 68 -10.68 15.05 5.73
CA GLY A 68 -10.00 16.34 5.53
C GLY A 68 -10.03 16.73 4.08
N PRO A 69 -9.39 17.87 3.74
CA PRO A 69 -9.33 18.39 2.38
C PRO A 69 -8.85 17.35 1.33
N LEU A 70 -8.01 16.39 1.71
CA LEU A 70 -7.47 15.42 0.73
C LEU A 70 -8.49 14.33 0.40
N VAL A 71 -9.55 14.17 1.19
CA VAL A 71 -10.67 13.24 0.89
C VAL A 71 -11.96 13.96 1.27
N PRO A 72 -12.25 15.06 0.54
CA PRO A 72 -13.02 16.19 1.08
C PRO A 72 -14.51 15.88 1.25
N GLU A 73 -14.99 14.80 0.64
CA GLU A 73 -16.46 14.48 0.69
C GLU A 73 -16.75 13.49 1.82
N THR A 74 -15.72 13.01 2.54
CA THR A 74 -15.92 12.08 3.64
C THR A 74 -16.89 12.71 4.65
N SER A 75 -17.86 11.98 5.14
CA SER A 75 -18.78 12.52 6.20
C SER A 75 -17.96 12.96 7.41
N ASP A 76 -18.35 14.08 8.03
CA ASP A 76 -17.66 14.69 9.20
C ASP A 76 -17.59 13.67 10.34
N ASP A 77 -18.60 12.84 10.50
CA ASP A 77 -18.79 11.93 11.66
C ASP A 77 -18.37 10.50 11.29
N LEU A 78 -17.72 10.25 10.15
CA LEU A 78 -17.33 8.88 9.78
C LEU A 78 -16.33 8.36 10.79
N GLU A 79 -16.48 7.13 11.21
CA GLU A 79 -15.48 6.43 12.08
C GLU A 79 -15.02 5.19 11.33
N ILE A 80 -13.70 5.01 11.34
CA ILE A 80 -13.10 3.78 10.81
C ILE A 80 -12.22 3.24 11.94
N ASP A 81 -12.63 2.10 12.50
CA ASP A 81 -11.93 1.57 13.68
C ASP A 81 -10.73 0.77 13.16
N ALA A 82 -9.63 1.43 12.81
CA ALA A 82 -8.46 0.74 12.23
C ALA A 82 -7.29 1.71 12.17
N GLU A 83 -6.10 1.21 11.97
CA GLU A 83 -4.90 2.04 11.92
C GLU A 83 -4.82 2.69 10.52
N PHE A 84 -4.75 4.03 10.45
CA PHE A 84 -4.47 4.69 9.16
C PHE A 84 -2.96 4.91 9.01
N VAL A 85 -2.44 4.53 7.83
CA VAL A 85 -1.03 4.75 7.47
C VAL A 85 -1.00 5.86 6.39
N PRO A 86 -0.57 7.08 6.76
CA PRO A 86 -0.35 8.16 5.79
C PRO A 86 0.84 7.90 4.87
N MET A 87 0.83 8.64 3.77
CA MET A 87 1.87 8.60 2.71
C MET A 87 2.23 10.02 2.30
N ILE A 88 3.51 10.27 2.20
CA ILE A 88 4.06 11.42 1.39
C ILE A 88 4.26 10.95 -0.06
N TRP A 89 3.25 11.19 -0.89
CA TRP A 89 3.13 10.63 -2.26
C TRP A 89 4.29 11.08 -3.13
N SER A 90 4.61 12.37 -3.07
CA SER A 90 5.74 12.97 -3.84
C SER A 90 6.36 14.13 -3.07
N PRO A 91 7.51 14.68 -3.53
CA PRO A 91 8.06 15.89 -2.87
C PRO A 91 7.08 17.06 -2.72
N GLN A 92 6.24 17.30 -3.72
CA GLN A 92 5.23 18.37 -3.67
C GLN A 92 4.28 18.21 -2.51
N SER A 93 3.89 16.97 -2.16
CA SER A 93 2.96 16.72 -1.04
C SER A 93 3.47 17.37 0.24
N LEU A 94 4.80 17.47 0.46
CA LEU A 94 5.30 18.13 1.69
C LEU A 94 4.93 19.60 1.77
N ASP A 95 4.56 20.22 0.66
CA ASP A 95 4.33 21.67 0.62
C ASP A 95 2.83 21.93 0.41
N ASP A 96 1.94 20.95 0.55
CA ASP A 96 0.53 21.11 0.08
C ASP A 96 -0.31 21.83 1.12
N GLY A 97 0.26 22.15 2.28
CA GLY A 97 -0.39 22.77 3.45
C GLY A 97 -1.41 21.88 4.15
N CYS A 98 -1.41 20.55 3.91
CA CYS A 98 -2.38 19.62 4.57
C CYS A 98 -1.67 18.82 5.67
N ASP A 99 -2.43 18.29 6.61
CA ASP A 99 -1.85 17.68 7.82
C ASP A 99 -1.95 16.16 7.73
N LEU A 100 -0.95 15.51 8.33
CA LEU A 100 -0.99 14.04 8.53
C LEU A 100 -2.11 13.71 9.50
N GLN A 101 -2.82 12.62 9.23
CA GLN A 101 -3.86 12.02 10.11
C GLN A 101 -3.32 11.93 11.56
N GLU A 102 -3.99 12.57 12.51
CA GLU A 102 -3.42 12.63 13.87
C GLU A 102 -3.26 11.23 14.47
N GLY A 103 -2.11 10.98 15.07
CA GLY A 103 -1.82 9.76 15.84
C GLY A 103 -1.18 8.69 14.98
N TRP A 104 -0.82 8.97 13.72
CA TRP A 104 -0.16 7.99 12.84
C TRP A 104 1.02 7.32 13.57
N ASP A 105 1.27 6.06 13.24
CA ASP A 105 2.43 5.29 13.75
C ASP A 105 3.44 5.07 12.65
N LEU A 106 2.94 4.84 11.45
CA LEU A 106 3.80 4.68 10.26
C LEU A 106 3.59 5.77 9.20
N LEU A 107 4.67 6.22 8.61
CA LEU A 107 4.59 7.16 7.49
C LEU A 107 5.23 6.55 6.26
N LEU A 108 4.50 6.45 5.19
CA LEU A 108 5.04 5.91 3.88
C LEU A 108 5.75 6.97 3.04
N GLY A 109 6.87 6.57 2.43
CA GLY A 109 7.61 7.44 1.51
C GLY A 109 7.01 7.38 0.13
N PHE A 110 7.61 8.14 -0.79
CA PHE A 110 7.13 8.51 -2.14
C PHE A 110 6.67 7.28 -2.91
N ASN A 111 5.55 7.44 -3.59
CA ASN A 111 4.97 6.39 -4.42
C ASN A 111 5.67 6.26 -5.78
N GLU A 112 6.34 5.16 -6.04
CA GLU A 112 6.91 4.77 -7.37
C GLU A 112 7.69 5.95 -7.97
N PRO A 113 8.62 6.55 -7.20
CA PRO A 113 9.42 7.66 -7.72
C PRO A 113 10.29 7.26 -8.92
N ASP A 114 10.51 5.97 -9.07
CA ASP A 114 11.25 5.38 -10.22
C ASP A 114 10.47 5.47 -11.53
N LEU A 115 9.16 5.70 -11.54
CA LEU A 115 8.28 5.71 -12.76
C LEU A 115 8.13 7.09 -13.41
N ASP A 116 8.06 7.16 -14.76
CA ASP A 116 7.95 8.43 -15.54
C ASP A 116 6.52 8.66 -16.08
N ALA A 121 2.72 8.32 -9.80
CA ALA A 121 4.09 8.62 -9.30
C ALA A 121 4.61 9.98 -9.82
N SER A 122 5.46 10.69 -9.06
CA SER A 122 6.30 11.82 -9.55
C SER A 122 7.78 11.36 -9.62
N HIS A 123 8.32 11.26 -10.85
CA HIS A 123 9.71 10.76 -11.13
C HIS A 123 10.75 11.66 -10.44
N ARG A 124 11.65 11.06 -9.66
CA ARG A 124 12.87 11.74 -9.16
C ARG A 124 14.05 10.81 -9.32
N SER A 125 15.23 11.39 -9.44
CA SER A 125 16.49 10.66 -9.27
C SER A 125 16.64 10.24 -7.82
N PRO A 126 17.41 9.17 -7.54
CA PRO A 126 17.67 8.82 -6.17
C PRO A 126 18.26 9.98 -5.34
N GLN A 127 19.16 10.80 -5.91
CA GLN A 127 19.72 11.98 -5.19
C GLN A 127 18.64 13.04 -5.00
N GLU A 128 17.79 13.31 -5.99
CA GLU A 128 16.71 14.31 -5.76
C GLU A 128 15.77 13.81 -4.65
N ALA A 129 15.43 12.53 -4.66
CA ALA A 129 14.58 11.93 -3.62
C ALA A 129 15.29 11.96 -2.28
N ALA A 130 16.58 11.64 -2.26
CA ALA A 130 17.31 11.58 -0.98
C ALA A 130 17.30 12.98 -0.35
N ASP A 131 17.44 14.04 -1.15
CA ASP A 131 17.48 15.39 -0.57
C ASP A 131 16.10 15.71 0.07
N VAL A 132 15.01 15.37 -0.62
CA VAL A 132 13.65 15.65 -0.10
C VAL A 132 13.39 14.73 1.09
N TRP A 133 13.97 13.54 1.10
CA TRP A 133 13.81 12.62 2.26
C TRP A 133 14.23 13.30 3.58
N ILE A 134 15.27 14.14 3.58
CA ILE A 134 15.76 14.80 4.81
C ILE A 134 14.65 15.66 5.38
N GLN A 135 13.90 16.33 4.51
CA GLN A 135 12.75 17.18 4.91
C GLN A 135 11.59 16.28 5.37
N LEU A 136 11.26 15.24 4.64
CA LEU A 136 10.22 14.22 5.05
C LEU A 136 10.56 13.62 6.41
N ALA A 137 11.81 13.28 6.65
CA ALA A 137 12.15 12.53 7.86
C ALA A 137 11.96 13.42 9.07
N GLN A 138 11.96 14.73 8.91
CA GLN A 138 11.67 15.69 10.03
C GLN A 138 10.27 15.47 10.59
N LEU A 139 9.36 14.95 9.80
CA LEU A 139 7.99 14.65 10.30
C LEU A 139 8.00 13.60 11.42
N ARG A 140 9.06 12.84 11.55
CA ARG A 140 9.22 11.89 12.66
C ARG A 140 9.65 12.67 13.93
N THR A 141 8.76 13.42 14.51
CA THR A 141 9.10 14.31 15.67
C THR A 141 9.01 13.59 16.99
N ASP A 142 8.33 12.44 16.98
CA ASP A 142 8.14 11.62 18.17
C ASP A 142 8.60 10.22 17.84
N PRO A 143 9.93 9.99 17.74
CA PRO A 143 10.52 8.77 17.17
C PRO A 143 10.23 7.50 17.97
N ASP A 144 9.85 7.61 19.25
CA ASP A 144 9.41 6.43 20.05
C ASP A 144 8.06 5.92 19.51
N ASN A 145 7.22 6.75 18.89
CA ASN A 145 5.82 6.36 18.54
C ASN A 145 5.47 6.56 17.07
N GLN A 146 6.50 6.76 16.26
CA GLN A 146 6.49 7.08 14.81
C GLN A 146 7.67 6.40 14.14
N HIS A 147 7.43 5.78 12.99
CA HIS A 147 8.46 5.11 12.18
C HIS A 147 8.18 5.38 10.70
N LEU A 148 9.29 5.51 10.01
CA LEU A 148 9.33 5.80 8.57
C LEU A 148 9.44 4.50 7.78
N VAL A 149 8.70 4.49 6.68
CA VAL A 149 8.71 3.39 5.67
C VAL A 149 9.28 3.93 4.37
N SER A 150 10.08 3.13 3.65
CA SER A 150 10.76 3.52 2.43
C SER A 150 9.73 3.98 1.42
N PRO A 151 10.17 4.78 0.44
CA PRO A 151 9.49 4.87 -0.86
C PRO A 151 9.34 3.46 -1.42
N ALA A 152 8.22 3.21 -2.10
CA ALA A 152 7.97 1.95 -2.82
C ALA A 152 8.27 2.16 -4.29
N VAL A 153 9.13 1.36 -4.86
CA VAL A 153 9.36 1.44 -6.32
C VAL A 153 8.33 0.59 -7.06
N ALA A 154 8.00 1.04 -8.27
CA ALA A 154 7.25 0.30 -9.30
C ALA A 154 8.03 -0.95 -9.64
N SER A 155 9.32 -0.81 -9.96
CA SER A 155 10.14 -2.00 -10.26
C SER A 155 11.63 -1.79 -10.00
N ASN A 156 12.13 -0.57 -10.06
CA ASN A 156 13.58 -0.33 -10.18
C ASN A 156 14.26 -0.56 -8.82
N VAL A 157 14.77 -1.76 -8.60
CA VAL A 157 15.47 -2.15 -7.35
C VAL A 157 16.78 -1.36 -7.23
N GLU A 158 17.48 -1.14 -8.33
CA GLU A 158 18.69 -0.25 -8.28
C GLU A 158 18.32 1.15 -7.76
N TRP A 159 17.22 1.74 -8.22
CA TRP A 159 16.78 3.08 -7.78
C TRP A 159 16.75 3.11 -6.25
N LEU A 160 16.17 2.07 -5.65
CA LEU A 160 15.93 2.07 -4.19
C LEU A 160 17.27 1.84 -3.47
N LYS A 161 18.09 0.95 -3.96
CA LYS A 161 19.44 0.72 -3.39
C LYS A 161 20.24 2.01 -3.34
N GLU A 162 20.28 2.75 -4.45
CA GLU A 162 21.00 4.05 -4.54
C GLU A 162 20.37 5.04 -3.56
N PHE A 163 19.03 5.14 -3.53
CA PHE A 163 18.32 6.06 -2.64
C PHE A 163 18.77 5.83 -1.19
N LEU A 164 18.70 4.58 -0.75
CA LEU A 164 18.92 4.25 0.66
C LEU A 164 20.40 4.49 0.98
N SER A 165 21.27 4.35 -0.01
CA SER A 165 22.73 4.61 0.20
C SER A 165 23.00 6.11 0.30
N LEU A 166 22.14 6.98 -0.20
CA LEU A 166 22.43 8.43 -0.24
C LEU A 166 21.88 9.15 0.97
N ILE A 167 20.85 8.63 1.63
CA ILE A 167 20.22 9.36 2.78
C ILE A 167 21.15 9.21 3.98
N PRO A 168 21.09 10.20 4.90
CA PRO A 168 21.74 10.13 6.20
C PRO A 168 21.19 8.96 7.01
N GLU A 169 22.09 8.27 7.67
CA GLU A 169 21.79 7.04 8.43
C GLU A 169 20.71 7.34 9.45
N GLU A 170 20.68 8.54 10.04
CA GLU A 170 19.71 8.77 11.12
C GLU A 170 18.28 8.85 10.56
N THR A 171 18.12 8.98 9.24
CA THR A 171 16.81 9.08 8.55
C THR A 171 16.45 7.73 7.94
N TYR A 172 17.28 6.70 8.08
CA TYR A 172 17.04 5.40 7.41
C TYR A 172 15.66 4.88 7.82
N PRO A 173 14.80 4.48 6.88
CA PRO A 173 13.49 3.95 7.27
C PRO A 173 13.64 2.66 8.09
N THR A 174 12.70 2.43 9.00
CA THR A 174 12.53 1.15 9.73
C THR A 174 12.10 0.01 8.79
N TYR A 175 11.12 0.28 7.92
CA TYR A 175 10.45 -0.72 7.08
C TYR A 175 10.69 -0.42 5.62
N LEU A 176 10.72 -1.46 4.78
CA LEU A 176 10.68 -1.35 3.31
C LEU A 176 9.19 -1.44 2.83
N ALA A 177 8.74 -0.47 2.04
CA ALA A 177 7.43 -0.56 1.33
C ALA A 177 7.66 -1.32 0.01
N VAL A 178 6.78 -2.24 -0.34
CA VAL A 178 6.92 -3.07 -1.59
C VAL A 178 5.57 -3.01 -2.31
N HIS A 179 5.65 -2.92 -3.64
CA HIS A 179 4.55 -3.14 -4.61
C HIS A 179 4.94 -4.39 -5.38
N LEU A 180 4.12 -5.41 -5.32
CA LEU A 180 4.39 -6.67 -6.05
C LEU A 180 3.13 -7.08 -6.84
N TYR A 181 3.28 -7.03 -8.14
CA TYR A 181 2.27 -7.42 -9.11
C TYR A 181 2.82 -8.62 -9.90
N THR A 182 2.33 -9.83 -9.61
CA THR A 182 2.62 -11.05 -10.40
C THR A 182 1.39 -11.95 -10.35
N THR A 183 1.46 -13.09 -11.06
CA THR A 183 0.28 -13.93 -11.29
C THR A 183 0.47 -15.35 -10.78
N THR A 184 1.66 -15.71 -10.32
CA THR A 184 1.88 -17.07 -9.76
C THR A 184 2.52 -16.97 -8.39
N PHE A 185 2.16 -17.92 -7.53
CA PHE A 185 2.60 -18.01 -6.13
C PHE A 185 4.12 -18.16 -6.10
N ASP A 186 4.70 -18.94 -7.01
CA ASP A 186 6.16 -19.16 -6.94
C ASP A 186 6.90 -17.85 -7.25
N ASP A 187 6.38 -17.10 -8.18
CA ASP A 187 7.05 -15.86 -8.61
C ASP A 187 6.87 -14.86 -7.45
N PHE A 188 5.67 -14.81 -6.88
CA PHE A 188 5.35 -13.95 -5.72
C PHE A 188 6.37 -14.17 -4.64
N VAL A 189 6.53 -15.40 -4.19
CA VAL A 189 7.48 -15.71 -3.08
C VAL A 189 8.92 -15.40 -3.51
N GLY A 190 9.36 -15.74 -4.70
CA GLY A 190 10.76 -15.44 -5.08
C GLY A 190 11.04 -13.94 -5.00
N LYS A 191 10.10 -13.13 -5.49
CA LYS A 191 10.30 -11.64 -5.55
C LYS A 191 10.26 -11.06 -4.14
N MET A 192 9.38 -11.56 -3.27
CA MET A 192 9.26 -11.07 -1.88
C MET A 192 10.60 -11.40 -1.22
N GLU A 193 11.14 -12.59 -1.51
CA GLU A 193 12.38 -13.05 -0.83
C GLU A 193 13.55 -12.17 -1.30
N MET A 194 13.56 -11.80 -2.58
CA MET A 194 14.58 -10.91 -3.20
C MET A 194 14.52 -9.58 -2.46
N TYR A 195 13.34 -9.01 -2.27
CA TYR A 195 13.25 -7.70 -1.54
C TYR A 195 13.75 -7.87 -0.13
N HIS A 196 13.43 -8.97 0.53
CA HIS A 196 13.91 -9.14 1.92
C HIS A 196 15.45 -9.29 1.91
N ASN A 197 15.98 -10.10 1.01
CA ASN A 197 17.44 -10.41 0.93
C ASN A 197 18.19 -9.16 0.47
N GLU A 198 17.66 -8.38 -0.49
CA GLU A 198 18.39 -7.21 -1.02
C GLU A 198 18.50 -6.15 0.08
N PHE A 199 17.43 -5.89 0.80
CA PHE A 199 17.39 -4.64 1.58
C PHE A 199 17.49 -4.95 3.05
N GLY A 200 17.16 -6.15 3.53
CA GLY A 200 17.32 -6.54 4.94
C GLY A 200 16.49 -5.72 5.90
N LEU A 201 15.31 -5.24 5.47
CA LEU A 201 14.34 -4.63 6.37
C LEU A 201 13.08 -5.48 6.37
N PRO A 202 12.32 -5.42 7.45
CA PRO A 202 10.98 -5.98 7.48
C PRO A 202 10.13 -5.16 6.51
N ILE A 203 9.04 -5.74 6.06
CA ILE A 203 8.37 -5.29 4.85
C ILE A 203 6.91 -5.02 5.15
N ILE A 204 6.44 -3.95 4.55
CA ILE A 204 5.02 -3.58 4.41
C ILE A 204 4.70 -3.66 2.93
N LEU A 205 3.97 -4.69 2.55
CA LEU A 205 3.54 -4.91 1.19
C LEU A 205 2.29 -4.03 1.00
N THR A 206 2.43 -2.81 0.48
CA THR A 206 1.32 -1.83 0.38
C THR A 206 0.44 -2.07 -0.82
N GLU A 207 0.93 -2.80 -1.85
CA GLU A 207 0.15 -3.12 -3.08
C GLU A 207 0.51 -4.51 -3.60
N PHE A 208 -0.48 -5.40 -3.69
CA PHE A 208 -0.37 -6.67 -4.43
C PHE A 208 -1.74 -7.13 -4.92
N CYS A 209 -1.78 -7.85 -6.05
CA CYS A 209 -2.96 -8.59 -6.51
C CYS A 209 -2.49 -9.46 -7.67
N MET A 210 -3.45 -10.12 -8.32
CA MET A 210 -3.09 -11.10 -9.37
C MET A 210 -3.13 -10.41 -10.72
N GLN A 211 -1.96 -9.93 -11.11
CA GLN A 211 -1.75 -9.02 -12.26
C GLN A 211 -0.24 -9.00 -12.52
N SER A 212 0.18 -9.09 -13.79
CA SER A 212 1.56 -8.86 -14.23
C SER A 212 1.56 -7.67 -15.20
N TRP A 213 2.55 -6.83 -15.07
CA TRP A 213 2.80 -5.71 -16.00
C TRP A 213 3.78 -6.18 -17.08
N ASP A 214 4.39 -7.35 -16.90
CA ASP A 214 5.06 -8.04 -18.02
C ASP A 214 3.97 -8.36 -19.04
N GLU A 215 4.19 -8.05 -20.32
CA GLU A 215 3.13 -8.16 -21.37
C GLU A 215 3.06 -9.56 -21.97
N GLY A 216 4.17 -10.32 -21.93
CA GLY A 216 4.19 -11.78 -22.15
C GLY A 216 3.54 -12.58 -21.02
N VAL A 217 3.15 -11.95 -19.89
CA VAL A 217 2.49 -12.68 -18.77
C VAL A 217 1.00 -12.37 -18.83
N PRO A 218 0.18 -13.42 -19.08
CA PRO A 218 -1.28 -13.27 -19.10
C PRO A 218 -1.87 -12.99 -17.69
N GLY A 219 -2.88 -12.11 -17.64
CA GLY A 219 -3.69 -11.79 -16.45
C GLY A 219 -4.55 -12.99 -16.08
N PRO A 220 -5.35 -12.94 -15.00
CA PRO A 220 -6.08 -14.13 -14.61
C PRO A 220 -7.07 -14.55 -15.69
N GLY A 221 -7.11 -15.84 -15.92
CA GLY A 221 -8.02 -16.54 -16.85
C GLY A 221 -9.45 -16.50 -16.40
N ASP A 222 -9.72 -16.71 -15.10
CA ASP A 222 -11.10 -16.70 -14.53
C ASP A 222 -11.03 -16.14 -13.10
N GLN A 223 -12.19 -15.81 -12.51
CA GLN A 223 -12.35 -15.24 -11.15
C GLN A 223 -11.78 -16.20 -10.11
N GLN A 224 -12.00 -17.49 -10.29
CA GLN A 224 -11.54 -18.52 -9.33
C GLN A 224 -10.02 -18.43 -9.10
N GLN A 225 -9.25 -18.22 -10.16
CA GLN A 225 -7.77 -18.16 -10.06
C GLN A 225 -7.37 -17.08 -9.03
N VAL A 226 -8.14 -15.98 -9.00
CA VAL A 226 -7.82 -14.83 -8.08
C VAL A 226 -8.14 -15.25 -6.64
N HIS A 227 -9.27 -15.91 -6.40
CA HIS A 227 -9.55 -16.48 -5.05
C HIS A 227 -8.39 -17.38 -4.60
N ASP A 228 -7.92 -18.24 -5.50
CA ASP A 228 -6.82 -19.20 -5.22
C ASP A 228 -5.52 -18.44 -4.92
N TYR A 229 -5.21 -17.46 -5.73
CA TYR A 229 -3.98 -16.65 -5.56
C TYR A 229 -4.01 -15.94 -4.18
N MET A 230 -5.15 -15.36 -3.84
CA MET A 230 -5.35 -14.65 -2.53
C MET A 230 -5.15 -15.64 -1.37
N GLY A 231 -5.76 -16.83 -1.47
CA GLY A 231 -5.56 -17.85 -0.43
C GLY A 231 -4.09 -18.15 -0.24
N GLN A 232 -3.41 -18.51 -1.31
CA GLN A 232 -1.98 -18.88 -1.23
C GLN A 232 -1.12 -17.72 -0.67
N THR A 233 -1.30 -16.52 -1.21
CA THR A 233 -0.39 -15.38 -0.91
C THR A 233 -0.65 -14.97 0.55
N THR A 234 -1.89 -14.80 0.96
CA THR A 234 -2.22 -14.35 2.35
C THR A 234 -1.74 -15.36 3.39
N LYS A 235 -1.79 -16.65 3.08
CA LYS A 235 -1.28 -17.66 4.05
C LYS A 235 0.22 -17.50 4.18
N TRP A 236 0.94 -17.45 3.09
CA TRP A 236 2.42 -17.26 3.12
C TRP A 236 2.74 -15.96 3.87
N LEU A 237 1.97 -14.89 3.64
CA LEU A 237 2.31 -13.56 4.21
C LEU A 237 2.04 -13.58 5.72
N ASP A 238 0.96 -14.24 6.13
CA ASP A 238 0.66 -14.35 7.56
C ASP A 238 1.75 -15.18 8.25
N GLU A 239 2.36 -16.14 7.57
CA GLU A 239 3.29 -17.11 8.23
C GLU A 239 4.72 -16.56 8.20
N THR A 240 5.00 -15.55 7.39
CA THR A 240 6.38 -15.00 7.21
C THR A 240 6.56 -13.85 8.20
N ASP A 241 7.50 -13.97 9.14
CA ASP A 241 7.57 -13.04 10.30
C ASP A 241 8.13 -11.69 9.81
N TYR A 242 8.89 -11.64 8.72
CA TYR A 242 9.42 -10.35 8.22
C TYR A 242 8.35 -9.57 7.41
N ILE A 243 7.20 -10.15 7.15
CA ILE A 243 6.03 -9.38 6.64
C ILE A 243 5.31 -8.77 7.85
N ILE A 244 5.32 -7.45 7.93
CA ILE A 244 4.71 -6.73 9.09
C ILE A 244 3.24 -6.48 8.78
N LYS A 245 2.98 -6.00 7.57
CA LYS A 245 1.61 -5.69 7.07
C LYS A 245 1.53 -5.99 5.57
N TYR A 246 0.30 -6.17 5.05
CA TYR A 246 0.10 -6.29 3.61
C TYR A 246 -1.26 -5.74 3.23
N CYS A 247 -1.41 -5.48 1.95
CA CYS A 247 -2.55 -4.68 1.49
C CYS A 247 -2.82 -5.05 0.05
N TRP A 248 -3.87 -5.83 -0.15
CA TRP A 248 -4.38 -6.17 -1.50
C TRP A 248 -4.79 -4.85 -2.20
N PHE A 249 -4.56 -4.81 -3.49
CA PHE A 249 -4.99 -3.72 -4.36
C PHE A 249 -6.29 -4.13 -5.06
N GLY A 250 -7.34 -3.37 -4.85
CA GLY A 250 -8.61 -3.61 -5.54
C GLY A 250 -9.86 -3.10 -4.89
N ALA A 251 -9.78 -2.47 -3.71
CA ALA A 251 -10.96 -1.75 -3.19
C ALA A 251 -11.06 -0.46 -4.01
N VAL A 252 -12.04 -0.38 -4.90
CA VAL A 252 -12.29 0.84 -5.72
C VAL A 252 -13.80 0.82 -6.05
N ARG A 253 -14.36 1.94 -6.50
CA ARG A 253 -15.74 1.91 -7.09
C ARG A 253 -15.56 2.11 -8.59
N ASP A 254 -14.99 3.28 -8.96
CA ASP A 254 -14.74 3.61 -10.35
C ASP A 254 -13.67 2.67 -10.93
N THR A 255 -13.98 2.01 -12.05
CA THR A 255 -12.99 1.20 -12.81
C THR A 255 -11.73 1.99 -13.12
N ALA A 256 -11.83 3.29 -13.43
CA ALA A 256 -10.63 4.11 -13.71
C ALA A 256 -9.58 3.90 -12.59
N ASN A 257 -10.03 3.76 -11.34
CA ASN A 257 -9.09 3.72 -10.19
C ASN A 257 -8.41 2.35 -10.07
N LEU A 258 -8.70 1.39 -10.98
CA LEU A 258 -7.95 0.12 -11.11
C LEU A 258 -6.64 0.32 -11.88
N HIS A 259 -6.53 1.37 -12.67
CA HIS A 259 -5.27 1.67 -13.41
C HIS A 259 -4.86 0.45 -14.28
N ASP A 260 -5.82 -0.15 -15.01
CA ASP A 260 -5.63 -1.33 -15.89
C ASP A 260 -5.38 -2.66 -15.14
N VAL A 261 -5.45 -2.66 -13.82
CA VAL A 261 -5.55 -3.95 -13.06
C VAL A 261 -6.84 -4.69 -13.46
N HIS A 262 -6.75 -6.00 -13.71
CA HIS A 262 -7.91 -6.89 -14.05
C HIS A 262 -9.01 -6.69 -13.04
N PRO A 263 -10.27 -6.42 -13.45
CA PRO A 263 -11.40 -6.27 -12.54
C PRO A 263 -11.68 -7.51 -11.66
N PHE A 264 -11.17 -8.69 -12.03
CA PHE A 264 -11.26 -9.90 -11.14
C PHE A 264 -10.60 -9.64 -9.78
N ASN A 265 -9.73 -8.63 -9.70
CA ASN A 265 -9.00 -8.28 -8.44
C ASN A 265 -9.85 -7.38 -7.56
N ARG A 266 -11.04 -7.02 -8.00
CA ARG A 266 -11.90 -6.09 -7.24
C ARG A 266 -12.28 -6.67 -5.88
N LEU A 267 -12.17 -5.84 -4.82
CA LEU A 267 -12.70 -6.12 -3.49
C LEU A 267 -14.05 -5.44 -3.33
N MET A 268 -14.34 -4.49 -4.21
CA MET A 268 -15.58 -3.68 -4.12
C MET A 268 -16.06 -3.42 -5.52
N ASP A 269 -17.37 -3.28 -5.68
CA ASP A 269 -17.94 -3.12 -7.04
C ASP A 269 -18.20 -1.64 -7.31
N GLU A 270 -18.80 -1.38 -8.47
CA GLU A 270 -19.08 -0.02 -8.93
C GLU A 270 -20.07 0.66 -8.01
N HIS A 271 -20.88 -0.07 -7.27
CA HIS A 271 -21.87 0.56 -6.35
C HIS A 271 -21.31 0.70 -4.94
N GLY A 272 -20.05 0.37 -4.65
CA GLY A 272 -19.61 0.52 -3.25
C GLY A 272 -19.93 -0.73 -2.41
N GLU A 273 -20.35 -1.84 -3.03
CA GLU A 273 -20.62 -3.09 -2.23
C GLU A 273 -19.38 -4.05 -2.31
N ILE A 274 -19.18 -4.83 -1.26
CA ILE A 274 -18.05 -5.79 -1.13
C ILE A 274 -18.32 -6.94 -2.08
N THR A 275 -17.36 -7.29 -2.90
CA THR A 275 -17.43 -8.45 -3.82
C THR A 275 -17.15 -9.74 -3.05
N PRO A 276 -17.44 -10.92 -3.63
CA PRO A 276 -17.03 -12.19 -3.00
C PRO A 276 -15.51 -12.25 -2.68
N LEU A 277 -14.67 -11.71 -3.54
CA LEU A 277 -13.21 -11.60 -3.27
C LEU A 277 -12.97 -10.71 -2.03
N GLY A 278 -13.65 -9.56 -1.96
CA GLY A 278 -13.61 -8.69 -0.78
C GLY A 278 -13.99 -9.42 0.51
N PHE A 279 -15.08 -10.18 0.49
CA PHE A 279 -15.51 -11.03 1.63
C PHE A 279 -14.37 -11.99 2.03
N GLN A 280 -13.84 -12.74 1.08
CA GLN A 280 -12.73 -13.66 1.38
C GLN A 280 -11.64 -12.87 2.09
N TYR A 281 -11.23 -11.73 1.51
CA TYR A 281 -10.10 -10.95 2.04
C TYR A 281 -10.40 -10.46 3.45
N MET A 282 -11.58 -9.94 3.63
CA MET A 282 -11.95 -9.23 4.88
C MET A 282 -12.02 -10.30 6.00
N TYR A 283 -12.37 -11.53 5.66
CA TYR A 283 -12.55 -12.55 6.71
C TYR A 283 -11.30 -13.40 6.90
N GLY A 284 -10.14 -12.94 6.38
CA GLY A 284 -8.82 -13.51 6.72
C GLY A 284 -8.06 -14.02 5.52
N GLY A 285 -8.66 -14.08 4.34
CA GLY A 285 -7.93 -14.46 3.10
C GLY A 285 -7.71 -15.94 2.87
N HIS A 286 -7.50 -16.70 3.95
CA HIS A 286 -7.19 -18.15 3.92
C HIS A 286 -7.74 -18.78 5.20
N GLU A 287 -8.01 -20.06 5.14
CA GLU A 287 -8.35 -20.89 6.31
C GLU A 287 -7.08 -21.12 7.12
#